data_7T9X
#
_entry.id   7T9X
#
_cell.length_a   27.578
_cell.length_b   32.922
_cell.length_c   72.488
_cell.angle_alpha   90.000
_cell.angle_beta   100.715
_cell.angle_gamma   90.000
#
_symmetry.space_group_name_H-M   'P 1 21 1'
#
loop_
_entity.id
_entity.type
_entity.pdbx_description
1 polymer 'Peroxisome assembly protein 12'
2 non-polymer 'ZINC ION'
3 water water
#
_entity_poly.entity_id   1
_entity_poly.type   'polypeptide(L)'
_entity_poly.pdbx_seq_one_letter_code
;PLGSVSEACPVCEKTVQNPCVLETGYVACYPCAISYLVNNEGHCPVTNKKLLGCTYNKHTNKWEVVTGIRKLI
;
_entity_poly.pdbx_strand_id   A,B
#
# COMPACT_ATOMS: atom_id res chain seq x y z
N PRO A 1 -11.51 -22.33 -18.34
CA PRO A 1 -10.38 -22.99 -17.65
C PRO A 1 -9.21 -22.05 -17.36
N LEU A 2 -8.56 -22.29 -16.23
CA LEU A 2 -7.48 -21.44 -15.77
C LEU A 2 -6.21 -21.66 -16.59
N GLY A 3 -5.53 -20.57 -16.91
CA GLY A 3 -4.29 -20.63 -17.63
C GLY A 3 -4.40 -20.64 -19.14
N SER A 4 -5.60 -20.48 -19.69
CA SER A 4 -5.75 -20.45 -21.14
C SER A 4 -5.01 -19.25 -21.73
N VAL A 5 -4.38 -19.45 -22.88
CA VAL A 5 -3.65 -18.37 -23.55
C VAL A 5 -4.36 -17.90 -24.81
N SER A 6 -5.60 -18.32 -25.04
CA SER A 6 -6.34 -17.96 -26.25
C SER A 6 -7.36 -16.83 -26.04
N GLU A 7 -7.41 -16.22 -24.87
CA GLU A 7 -8.35 -15.13 -24.64
C GLU A 7 -7.65 -13.80 -24.86
N ALA A 8 -8.43 -12.75 -25.08
CA ALA A 8 -7.84 -11.44 -25.30
C ALA A 8 -7.04 -11.02 -24.07
N CYS A 9 -5.93 -10.34 -24.29
CA CYS A 9 -5.21 -9.77 -23.17
C CYS A 9 -6.09 -8.70 -22.52
N PRO A 10 -6.28 -8.75 -21.19
CA PRO A 10 -7.13 -7.75 -20.53
C PRO A 10 -6.52 -6.36 -20.50
N VAL A 11 -5.25 -6.22 -20.87
CA VAL A 11 -4.60 -4.92 -20.87
C VAL A 11 -4.63 -4.30 -22.27
N CYS A 12 -4.07 -5.02 -23.25
CA CYS A 12 -3.91 -4.45 -24.59
C CYS A 12 -5.02 -4.85 -25.56
N GLU A 13 -5.85 -5.82 -25.18
CA GLU A 13 -7.00 -6.32 -25.93
C GLU A 13 -6.63 -7.08 -27.18
N LYS A 14 -5.37 -7.46 -27.34
CA LYS A 14 -4.90 -8.22 -28.48
C LYS A 14 -4.68 -9.67 -28.07
N THR A 15 -4.33 -10.50 -29.05
CA THR A 15 -3.90 -11.86 -28.76
C THR A 15 -2.73 -11.81 -27.79
N VAL A 16 -2.78 -12.66 -26.75
CA VAL A 16 -1.72 -12.66 -25.74
C VAL A 16 -0.43 -13.14 -26.36
N GLN A 17 0.64 -12.39 -26.14
CA GLN A 17 1.99 -12.79 -26.50
C GLN A 17 2.84 -12.83 -25.24
N ASN A 18 3.66 -13.88 -25.11
CA ASN A 18 4.46 -14.10 -23.90
C ASN A 18 3.54 -14.14 -22.69
N PRO A 19 2.66 -15.15 -22.62
CA PRO A 19 1.64 -15.17 -21.57
C PRO A 19 2.23 -15.32 -20.18
N CYS A 20 1.52 -14.72 -19.23
CA CYS A 20 1.82 -14.90 -17.81
C CYS A 20 0.50 -14.90 -17.06
N VAL A 21 0.54 -15.38 -15.83
CA VAL A 21 -0.63 -15.47 -14.96
C VAL A 21 -0.50 -14.41 -13.88
N LEU A 22 -1.57 -13.64 -13.69
CA LEU A 22 -1.65 -12.65 -12.62
C LEU A 22 -2.09 -13.32 -11.32
N GLU A 23 -1.97 -12.55 -10.24
CA GLU A 23 -2.33 -13.05 -8.91
C GLU A 23 -3.79 -13.48 -8.84
N THR A 24 -4.62 -12.87 -9.66
CA THR A 24 -6.05 -13.15 -9.74
C THR A 24 -6.38 -14.28 -10.70
N GLY A 25 -5.36 -14.89 -11.34
CA GLY A 25 -5.56 -16.04 -12.19
C GLY A 25 -5.73 -15.74 -13.66
N TYR A 26 -5.91 -14.48 -14.02
CA TYR A 26 -6.11 -14.13 -15.42
C TYR A 26 -4.78 -14.06 -16.14
N VAL A 27 -4.83 -14.27 -17.47
CA VAL A 27 -3.63 -14.33 -18.30
C VAL A 27 -3.49 -13.04 -19.09
N ALA A 28 -2.27 -12.50 -19.15
CA ALA A 28 -1.98 -11.29 -19.89
C ALA A 28 -0.59 -11.42 -20.52
N CYS A 29 -0.29 -10.56 -21.50
CA CYS A 29 1.08 -10.48 -21.98
C CYS A 29 1.99 -10.08 -20.83
N TYR A 30 3.18 -10.68 -20.77
CA TYR A 30 4.13 -10.32 -19.72
C TYR A 30 4.37 -8.82 -19.60
N PRO A 31 4.71 -8.07 -20.65
CA PRO A 31 4.94 -6.63 -20.46
C PRO A 31 3.67 -5.88 -20.13
N CYS A 32 2.51 -6.39 -20.59
CA CYS A 32 1.22 -5.79 -20.24
C CYS A 32 0.93 -5.94 -18.77
N ALA A 33 1.19 -7.13 -18.21
CA ALA A 33 0.94 -7.34 -16.79
C ALA A 33 1.86 -6.44 -15.95
N ILE A 34 3.14 -6.38 -16.31
CA ILE A 34 4.07 -5.56 -15.55
C ILE A 34 3.67 -4.09 -15.64
N SER A 35 3.46 -3.59 -16.87
CA SER A 35 3.17 -2.17 -17.01
C SER A 35 1.85 -1.80 -16.35
N TYR A 36 0.83 -2.66 -16.46
CA TYR A 36 -0.45 -2.27 -15.88
C TYR A 36 -0.35 -2.19 -14.36
N LEU A 37 0.28 -3.18 -13.74
CA LEU A 37 0.38 -3.17 -12.28
C LEU A 37 1.21 -2.00 -11.79
N VAL A 38 2.32 -1.70 -12.48
CA VAL A 38 3.14 -0.54 -12.11
C VAL A 38 2.36 0.75 -12.29
N ASN A 39 1.65 0.88 -13.42
CA ASN A 39 0.97 2.13 -13.75
C ASN A 39 -0.33 2.33 -12.99
N ASN A 40 -0.87 1.30 -12.36
CA ASN A 40 -2.16 1.38 -11.69
C ASN A 40 -2.07 0.99 -10.23
N GLU A 41 -0.90 1.25 -9.62
CA GLU A 41 -0.70 1.11 -8.16
C GLU A 41 -1.07 -0.28 -7.68
N GLY A 42 -0.73 -1.30 -8.47
CA GLY A 42 -0.91 -2.66 -8.04
C GLY A 42 -2.32 -3.20 -8.12
N HIS A 43 -3.15 -2.65 -9.01
CA HIS A 43 -4.53 -3.12 -9.17
C HIS A 43 -4.65 -4.04 -10.39
N CYS A 44 -5.45 -5.09 -10.23
CA CYS A 44 -5.71 -6.05 -11.30
C CYS A 44 -6.45 -5.39 -12.48
N PRO A 45 -6.03 -5.61 -13.73
CA PRO A 45 -6.75 -5.01 -14.87
C PRO A 45 -8.12 -5.62 -15.12
N VAL A 46 -8.43 -6.77 -14.54
CA VAL A 46 -9.74 -7.42 -14.74
C VAL A 46 -10.69 -7.08 -13.62
N THR A 47 -10.25 -7.21 -12.38
CA THR A 47 -11.10 -7.09 -11.21
C THR A 47 -10.92 -5.80 -10.43
N ASN A 48 -9.87 -5.03 -10.73
CA ASN A 48 -9.48 -3.84 -9.95
C ASN A 48 -9.15 -4.17 -8.50
N LYS A 49 -8.93 -5.44 -8.15
CA LYS A 49 -8.47 -5.79 -6.83
C LYS A 49 -7.05 -5.28 -6.59
N LYS A 50 -6.79 -4.80 -5.38
CA LYS A 50 -5.46 -4.41 -4.94
C LYS A 50 -4.63 -5.66 -4.67
N LEU A 51 -3.54 -5.84 -5.41
CA LEU A 51 -2.78 -7.08 -5.36
C LEU A 51 -1.76 -7.09 -4.23
N LEU A 52 -1.57 -8.27 -3.64
CA LEU A 52 -0.62 -8.43 -2.54
C LEU A 52 0.82 -8.31 -2.98
N GLY A 53 1.14 -8.73 -4.21
CA GLY A 53 2.51 -8.86 -4.64
C GLY A 53 3.19 -7.61 -5.16
N CYS A 54 2.49 -6.49 -5.18
CA CYS A 54 3.07 -5.23 -5.61
C CYS A 54 3.47 -4.40 -4.39
N THR A 55 4.63 -3.75 -4.49
CA THR A 55 5.24 -3.01 -3.40
C THR A 55 5.61 -1.62 -3.90
N TYR A 56 5.45 -0.63 -3.03
CA TYR A 56 5.84 0.73 -3.35
C TYR A 56 7.32 0.96 -3.04
N ASN A 57 8.05 1.49 -4.02
CA ASN A 57 9.47 1.82 -3.86
C ASN A 57 9.57 3.27 -3.44
N LYS A 58 10.01 3.51 -2.19
CA LYS A 58 10.05 4.88 -1.68
C LYS A 58 11.15 5.71 -2.33
N HIS A 59 12.10 5.07 -2.99
CA HIS A 59 13.18 5.81 -3.65
C HIS A 59 12.75 6.31 -5.01
N THR A 60 12.13 5.46 -5.82
CA THR A 60 11.64 5.86 -7.13
C THR A 60 10.24 6.44 -7.07
N ASN A 61 9.54 6.27 -5.95
CA ASN A 61 8.15 6.70 -5.80
C ASN A 61 7.27 6.05 -6.86
N LYS A 62 7.58 4.80 -7.18
CA LYS A 62 6.83 4.01 -8.15
C LYS A 62 6.59 2.62 -7.59
N TRP A 63 5.55 1.98 -8.13
CA TRP A 63 5.20 0.62 -7.76
C TRP A 63 6.02 -0.39 -8.55
N GLU A 64 6.28 -1.54 -7.93
CA GLU A 64 7.03 -2.63 -8.53
C GLU A 64 6.34 -3.95 -8.21
N VAL A 65 6.54 -4.95 -9.08
CA VAL A 65 5.91 -6.26 -8.90
C VAL A 65 6.93 -7.20 -8.26
N VAL A 66 6.77 -7.48 -6.97
CA VAL A 66 7.70 -8.35 -6.26
C VAL A 66 7.33 -9.81 -6.41
N THR A 67 6.05 -10.13 -6.31
CA THR A 67 5.56 -11.51 -6.46
C THR A 67 4.24 -11.46 -7.21
N GLY A 68 3.78 -12.63 -7.64
CA GLY A 68 2.42 -12.76 -8.13
C GLY A 68 2.24 -12.84 -9.62
N ILE A 69 3.29 -12.58 -10.41
CA ILE A 69 3.27 -12.82 -11.86
C ILE A 69 4.09 -14.07 -12.14
N ARG A 70 3.51 -15.03 -12.85
CA ARG A 70 4.22 -16.25 -13.21
C ARG A 70 4.12 -16.46 -14.71
N LYS A 71 5.27 -16.64 -15.36
CA LYS A 71 5.29 -16.85 -16.81
C LYS A 71 4.74 -18.22 -17.18
N LEU A 72 4.09 -18.28 -18.35
CA LEU A 72 3.72 -19.55 -18.97
C LEU A 72 4.69 -19.83 -20.11
N ILE A 73 5.21 -21.07 -20.16
CA ILE A 73 6.22 -21.44 -21.13
C ILE A 73 5.61 -21.38 -22.53
N PRO B 1 3.93 10.88 -2.69
CA PRO B 1 3.17 12.13 -2.54
C PRO B 1 2.57 12.25 -1.15
N LEU B 2 2.55 13.46 -0.60
CA LEU B 2 2.12 13.58 0.79
C LEU B 2 0.62 13.40 0.88
N GLY B 3 0.19 12.63 1.88
CA GLY B 3 -1.21 12.39 2.09
C GLY B 3 -1.77 11.25 1.28
N SER B 4 -0.93 10.55 0.52
CA SER B 4 -1.41 9.39 -0.23
C SER B 4 -1.94 8.33 0.71
N VAL B 5 -3.04 7.70 0.31
CA VAL B 5 -3.62 6.61 1.07
C VAL B 5 -3.40 5.27 0.35
N SER B 6 -2.47 5.22 -0.60
CA SER B 6 -2.29 4.00 -1.39
C SER B 6 -1.22 3.06 -0.86
N GLU B 7 -0.47 3.43 0.17
CA GLU B 7 0.60 2.60 0.69
C GLU B 7 0.13 1.85 1.92
N ALA B 8 0.87 0.80 2.29
CA ALA B 8 0.52 0.03 3.47
C ALA B 8 0.63 0.91 4.71
N CYS B 9 -0.23 0.64 5.68
CA CYS B 9 -0.10 1.30 6.98
C CYS B 9 1.23 0.89 7.62
N PRO B 10 2.05 1.84 8.08
CA PRO B 10 3.33 1.46 8.68
C PRO B 10 3.20 0.75 10.01
N VAL B 11 2.01 0.75 10.62
CA VAL B 11 1.81 0.13 11.92
C VAL B 11 1.32 -1.30 11.73
N CYS B 12 0.18 -1.47 11.02
CA CYS B 12 -0.44 -2.77 10.88
C CYS B 12 -0.05 -3.49 9.60
N GLU B 13 0.58 -2.81 8.65
CA GLU B 13 1.08 -3.36 7.39
C GLU B 13 -0.05 -3.80 6.45
N LYS B 14 -1.28 -3.37 6.70
CA LYS B 14 -2.43 -3.65 5.84
C LYS B 14 -2.81 -2.38 5.08
N THR B 15 -3.77 -2.54 4.17
CA THR B 15 -4.35 -1.39 3.49
C THR B 15 -4.89 -0.41 4.53
N VAL B 16 -4.59 0.87 4.34
CA VAL B 16 -4.97 1.88 5.33
C VAL B 16 -6.49 2.02 5.35
N GLN B 17 -7.07 1.98 6.55
CA GLN B 17 -8.48 2.26 6.78
C GLN B 17 -8.58 3.44 7.71
N ASN B 18 -9.52 4.36 7.42
CA ASN B 18 -9.65 5.60 8.19
C ASN B 18 -8.32 6.32 8.25
N PRO B 19 -7.81 6.78 7.11
CA PRO B 19 -6.46 7.35 7.08
C PRO B 19 -6.34 8.62 7.90
N CYS B 20 -5.14 8.82 8.41
CA CYS B 20 -4.76 10.08 9.03
C CYS B 20 -3.30 10.33 8.70
N VAL B 21 -2.88 11.59 8.86
CA VAL B 21 -1.49 11.97 8.63
C VAL B 21 -0.86 12.31 9.98
N LEU B 22 0.34 11.78 10.21
CA LEU B 22 1.15 12.07 11.38
C LEU B 22 1.90 13.39 11.20
N GLU B 23 2.43 13.92 12.30
CA GLU B 23 3.17 15.18 12.19
C GLU B 23 4.41 15.04 11.32
N THR B 24 4.91 13.80 11.13
CA THR B 24 6.05 13.56 10.25
C THR B 24 5.63 13.42 8.79
N GLY B 25 4.35 13.52 8.47
CA GLY B 25 3.90 13.51 7.10
C GLY B 25 3.44 12.17 6.58
N TYR B 26 3.66 11.09 7.33
CA TYR B 26 3.29 9.76 6.88
C TYR B 26 1.85 9.42 7.26
N VAL B 27 1.24 8.52 6.47
CA VAL B 27 -0.17 8.16 6.61
C VAL B 27 -0.31 6.80 7.27
N ALA B 28 -1.23 6.69 8.23
CA ALA B 28 -1.52 5.45 8.92
C ALA B 28 -3.02 5.39 9.22
N CYS B 29 -3.51 4.20 9.57
CA CYS B 29 -4.87 4.11 10.08
C CYS B 29 -5.00 4.93 11.35
N TYR B 30 -6.14 5.63 11.50
CA TYR B 30 -6.35 6.46 12.69
C TYR B 30 -6.11 5.70 13.99
N PRO B 31 -6.74 4.55 14.26
CA PRO B 31 -6.46 3.87 15.53
C PRO B 31 -5.05 3.32 15.61
N CYS B 32 -4.44 2.98 14.48
CA CYS B 32 -3.03 2.54 14.47
C CYS B 32 -2.11 3.67 14.91
N ALA B 33 -2.34 4.87 14.38
CA ALA B 33 -1.52 6.01 14.74
C ALA B 33 -1.66 6.35 16.21
N ILE B 34 -2.90 6.39 16.71
CA ILE B 34 -3.13 6.76 18.09
C ILE B 34 -2.49 5.72 19.00
N SER B 35 -2.79 4.45 18.77
CA SER B 35 -2.27 3.41 19.66
C SER B 35 -0.76 3.32 19.59
N TYR B 36 -0.17 3.48 18.40
CA TYR B 36 1.29 3.36 18.34
C TYR B 36 1.95 4.47 19.15
N LEU B 37 1.46 5.71 19.00
CA LEU B 37 2.05 6.83 19.72
C LEU B 37 1.88 6.67 21.23
N VAL B 38 0.69 6.24 21.67
CA VAL B 38 0.47 6.02 23.09
C VAL B 38 1.36 4.91 23.62
N ASN B 39 1.47 3.79 22.88
CA ASN B 39 2.19 2.61 23.37
C ASN B 39 3.70 2.71 23.20
N ASN B 40 4.20 3.71 22.47
CA ASN B 40 5.63 3.82 22.21
C ASN B 40 6.17 5.20 22.59
N GLU B 41 5.59 5.78 23.64
CA GLU B 41 6.11 7.00 24.29
C GLU B 41 6.22 8.15 23.31
N GLY B 42 5.26 8.25 22.40
CA GLY B 42 5.19 9.39 21.51
C GLY B 42 6.16 9.38 20.36
N HIS B 43 6.64 8.20 19.93
CA HIS B 43 7.56 8.10 18.81
C HIS B 43 6.86 7.69 17.53
N CYS B 44 7.29 8.30 16.43
CA CYS B 44 6.75 8.02 15.10
C CYS B 44 7.07 6.58 14.66
N PRO B 45 6.09 5.84 14.13
CA PRO B 45 6.35 4.47 13.67
C PRO B 45 7.18 4.38 12.41
N VAL B 46 7.38 5.47 11.68
CA VAL B 46 8.18 5.46 10.45
C VAL B 46 9.60 5.96 10.70
N THR B 47 9.73 7.09 11.40
CA THR B 47 11.01 7.79 11.55
C THR B 47 11.62 7.65 12.94
N ASN B 48 10.86 7.16 13.90
CA ASN B 48 11.23 7.11 15.31
C ASN B 48 11.48 8.51 15.91
N LYS B 49 11.05 9.58 15.24
CA LYS B 49 11.13 10.89 15.88
C LYS B 49 10.23 10.97 17.10
N LYS B 50 10.71 11.65 18.15
CA LYS B 50 9.84 12.00 19.27
C LYS B 50 8.94 13.15 18.85
N LEU B 51 7.64 12.92 18.85
CA LEU B 51 6.72 13.88 18.24
C LEU B 51 6.40 15.03 19.20
N LEU B 52 6.35 16.24 18.65
CA LEU B 52 6.06 17.43 19.45
C LEU B 52 4.64 17.42 19.98
N GLY B 53 3.71 16.83 19.22
CA GLY B 53 2.30 16.88 19.54
C GLY B 53 1.83 15.83 20.50
N CYS B 54 2.73 14.98 20.99
CA CYS B 54 2.40 14.03 22.04
C CYS B 54 2.85 14.61 23.37
N THR B 55 2.01 14.43 24.38
CA THR B 55 2.26 14.99 25.70
C THR B 55 2.09 13.88 26.72
N TYR B 56 2.96 13.89 27.73
CA TYR B 56 2.85 12.95 28.82
C TYR B 56 1.83 13.44 29.85
N ASN B 57 0.89 12.57 30.20
CA ASN B 57 -0.15 12.87 31.19
C ASN B 57 0.29 12.30 32.54
N LYS B 58 0.62 13.18 33.48
CA LYS B 58 1.13 12.71 34.77
C LYS B 58 0.05 12.05 35.63
N HIS B 59 -1.23 12.25 35.31
CA HIS B 59 -2.29 11.64 36.12
C HIS B 59 -2.53 10.20 35.73
N THR B 60 -2.53 9.91 34.43
CA THR B 60 -2.67 8.56 33.92
C THR B 60 -1.33 7.87 33.72
N ASN B 61 -0.23 8.63 33.76
CA ASN B 61 1.11 8.12 33.51
C ASN B 61 1.24 7.50 32.12
N LYS B 62 0.56 8.11 31.14
CA LYS B 62 0.60 7.66 29.75
C LYS B 62 0.73 8.86 28.83
N TRP B 63 1.25 8.61 27.62
CA TRP B 63 1.28 9.64 26.59
C TRP B 63 -0.08 9.75 25.89
N GLU B 64 -0.38 10.95 25.42
CA GLU B 64 -1.61 11.28 24.70
C GLU B 64 -1.25 12.15 23.51
N VAL B 65 -2.08 12.11 22.46
CA VAL B 65 -1.80 12.86 21.23
C VAL B 65 -2.63 14.14 21.29
N VAL B 66 -1.97 15.25 21.62
CA VAL B 66 -2.66 16.52 21.76
C VAL B 66 -2.82 17.21 20.40
N THR B 67 -1.78 17.18 19.58
CA THR B 67 -1.81 17.71 18.23
C THR B 67 -0.99 16.80 17.33
N GLY B 68 -1.11 17.03 16.03
CA GLY B 68 -0.22 16.42 15.08
C GLY B 68 -0.79 15.25 14.31
N ILE B 69 -1.90 14.67 14.74
CA ILE B 69 -2.63 13.70 13.93
C ILE B 69 -3.80 14.43 13.32
N ARG B 70 -3.93 14.33 12.00
CA ARG B 70 -5.07 14.93 11.32
C ARG B 70 -5.72 13.92 10.38
N LYS B 71 -7.04 13.78 10.48
CA LYS B 71 -7.75 12.81 9.66
C LYS B 71 -7.74 13.22 8.19
N LEU B 72 -7.67 12.22 7.32
CA LEU B 72 -7.93 12.38 5.90
C LEU B 72 -9.25 11.69 5.60
N ILE B 73 -10.23 12.44 5.13
CA ILE B 73 -11.54 11.82 4.93
C ILE B 73 -11.59 11.04 3.62
#